data_4HQL
#
_entry.id   4HQL
#
_cell.length_a   59.601
_cell.length_b   97.963
_cell.length_c   159.254
_cell.angle_alpha   90.00
_cell.angle_beta   90.00
_cell.angle_gamma   90.00
#
_symmetry.space_group_name_H-M   'P 21 21 21'
#
loop_
_entity.id
_entity.type
_entity.pdbx_description
1 polymer 'Sporozoite surface protein 2'
2 branched beta-D-glucopyranose-(1-3)-alpha-L-fucopyranose
3 non-polymer 'MAGNESIUM ION'
4 non-polymer 'CHLORIDE ION'
5 water water
#
_entity_poly.entity_id   1
_entity_poly.type   'polypeptide(L)'
_entity_poly.pdbx_seq_one_letter_code
;DEKVVDEVKYSEEVCNEQVDLYLLVDGSGSIGYPNWITKVIPMLNGLINSLSLSRDTINLYMNLFGSYTTELIRLGSGQS
IDKRQALSKVTELRKTYTPYGTTSMTAALDEVQKHLNDRVNREKAIQLVILMTDGVPNSKYRALEVANKLKQRNVRLAVI
GIGQGINHQFNRLIAGCRPREPNCKFYSYADWNEAVALIKPFIAKVCTEVERVANCGPWDPWTACSVTCGRGTHSRSRPS
LHEKCTTHMVSECEEGECPHHHHHHA
;
_entity_poly.pdbx_strand_id   A,B
#
loop_
_chem_comp.id
_chem_comp.type
_chem_comp.name
_chem_comp.formula
BGC D-saccharide, beta linking beta-D-glucopyranose 'C6 H12 O6'
CL non-polymer 'CHLORIDE ION' 'Cl -1'
FUC L-saccharide, alpha linking alpha-L-fucopyranose 'C6 H12 O5'
MG non-polymer 'MAGNESIUM ION' 'Mg 2'
#
# COMPACT_ATOMS: atom_id res chain seq x y z
N ASP A 6 -19.42 17.35 6.15
CA ASP A 6 -18.77 17.21 7.45
C ASP A 6 -18.15 15.81 7.60
N GLU A 7 -16.82 15.76 7.49
CA GLU A 7 -16.09 14.50 7.55
C GLU A 7 -14.80 14.69 8.34
N VAL A 8 -14.12 13.58 8.60
CA VAL A 8 -12.84 13.62 9.30
C VAL A 8 -11.74 12.89 8.52
N LYS A 9 -10.56 13.49 8.47
CA LYS A 9 -9.43 12.90 7.77
C LYS A 9 -8.40 12.40 8.77
N TYR A 10 -7.71 11.32 8.44
CA TYR A 10 -6.69 10.78 9.32
C TYR A 10 -5.66 9.95 8.56
N SER A 11 -4.50 9.78 9.19
CA SER A 11 -3.42 9.01 8.63
C SER A 11 -3.39 7.60 9.22
N GLU A 12 -3.04 6.61 8.41
CA GLU A 12 -2.84 5.26 8.90
C GLU A 12 -1.95 4.45 7.98
N GLU A 13 -1.37 3.37 8.51
CA GLU A 13 -0.50 2.51 7.72
C GLU A 13 -1.27 1.31 7.21
N VAL A 14 -1.10 1.03 5.93
CA VAL A 14 -1.70 -0.14 5.30
C VAL A 14 -0.57 -1.05 4.86
N CYS A 15 -0.55 -2.27 5.37
CA CYS A 15 0.57 -3.18 5.13
C CYS A 15 0.15 -4.48 4.47
N ASN A 16 -1.16 -4.72 4.42
CA ASN A 16 -1.69 -5.97 3.88
CA ASN A 16 -1.72 -5.98 3.91
C ASN A 16 -1.07 -7.22 4.51
N GLU A 17 -0.86 -7.17 5.82
CA GLU A 17 -0.20 -8.26 6.52
C GLU A 17 -1.14 -9.46 6.75
N GLN A 18 -2.44 -9.22 6.75
CA GLN A 18 -3.41 -10.29 6.97
C GLN A 18 -3.65 -11.04 5.67
N VAL A 19 -3.50 -12.36 5.72
CA VAL A 19 -3.71 -13.23 4.57
C VAL A 19 -4.47 -14.47 5.04
N ASP A 20 -5.62 -14.72 4.44
CA ASP A 20 -6.31 -15.99 4.63
C ASP A 20 -5.85 -16.86 3.50
N LEU A 21 -5.10 -17.92 3.81
CA LEU A 21 -4.51 -18.77 2.78
C LEU A 21 -5.22 -20.13 2.76
N TYR A 22 -5.91 -20.44 1.67
CA TYR A 22 -6.67 -21.69 1.57
C TYR A 22 -5.85 -22.68 0.75
N LEU A 23 -5.32 -23.69 1.42
CA LEU A 23 -4.46 -24.70 0.79
C LEU A 23 -5.34 -25.89 0.45
N LEU A 24 -5.57 -26.11 -0.84
CA LEU A 24 -6.44 -27.21 -1.29
C LEU A 24 -5.56 -28.29 -1.91
N VAL A 25 -5.56 -29.44 -1.28
CA VAL A 25 -4.59 -30.48 -1.64
C VAL A 25 -5.28 -31.67 -2.32
N ASP A 26 -4.88 -31.95 -3.54
CA ASP A 26 -5.39 -33.11 -4.27
C ASP A 26 -4.91 -34.42 -3.61
N GLY A 27 -5.83 -35.15 -2.99
CA GLY A 27 -5.49 -36.45 -2.40
C GLY A 27 -6.13 -37.60 -3.16
N SER A 28 -6.38 -37.40 -4.46
CA SER A 28 -7.13 -38.36 -5.27
C SER A 28 -6.23 -39.48 -5.79
N GLY A 29 -6.85 -40.55 -6.29
CA GLY A 29 -6.11 -41.75 -6.70
C GLY A 29 -5.15 -41.54 -7.86
N SER A 30 -5.39 -40.53 -8.70
CA SER A 30 -4.47 -40.22 -9.79
C SER A 30 -3.08 -39.71 -9.30
N ILE A 31 -3.00 -39.22 -8.07
CA ILE A 31 -1.72 -38.65 -7.58
C ILE A 31 -0.60 -39.70 -7.63
N GLY A 32 -0.88 -40.89 -7.10
CA GLY A 32 0.10 -41.97 -7.12
C GLY A 32 0.75 -42.01 -5.73
N TYR A 33 0.79 -43.19 -5.14
CA TYR A 33 1.37 -43.35 -3.80
C TYR A 33 2.86 -43.01 -3.72
N PRO A 34 3.70 -43.55 -4.65
CA PRO A 34 5.11 -43.18 -4.58
C PRO A 34 5.31 -41.66 -4.71
N ASN A 35 4.55 -41.03 -5.58
CA ASN A 35 4.60 -39.58 -5.74
C ASN A 35 4.15 -38.87 -4.46
N TRP A 36 3.11 -39.39 -3.83
CA TRP A 36 2.62 -38.85 -2.58
C TRP A 36 3.75 -38.79 -1.56
N ILE A 37 4.45 -39.92 -1.39
CA ILE A 37 5.50 -40.05 -0.39
C ILE A 37 6.80 -39.31 -0.75
N THR A 38 7.22 -39.38 -2.00
CA THR A 38 8.52 -38.83 -2.37
C THR A 38 8.47 -37.37 -2.80
N LYS A 39 7.28 -36.87 -3.15
CA LYS A 39 7.14 -35.52 -3.69
C LYS A 39 6.08 -34.66 -3.01
N VAL A 40 4.87 -35.19 -2.83
CA VAL A 40 3.82 -34.38 -2.25
C VAL A 40 4.10 -34.01 -0.78
N ILE A 41 4.41 -35.00 0.05
CA ILE A 41 4.69 -34.73 1.44
C ILE A 41 5.82 -33.69 1.61
N PRO A 42 6.99 -33.92 0.97
CA PRO A 42 8.04 -32.89 1.08
C PRO A 42 7.61 -31.53 0.53
N MET A 43 6.77 -31.53 -0.51
CA MET A 43 6.23 -30.28 -1.04
C MET A 43 5.46 -29.52 0.05
N LEU A 44 4.54 -30.22 0.69
CA LEU A 44 3.74 -29.64 1.77
C LEU A 44 4.61 -29.16 2.95
N ASN A 45 5.62 -29.94 3.31
CA ASN A 45 6.50 -29.54 4.40
C ASN A 45 7.30 -28.28 4.07
N GLY A 46 7.89 -28.24 2.89
CA GLY A 46 8.67 -27.07 2.47
C GLY A 46 7.78 -25.85 2.34
N LEU A 47 6.61 -26.01 1.73
CA LEU A 47 5.65 -24.92 1.57
C LEU A 47 5.18 -24.35 2.92
N ILE A 48 4.59 -25.20 3.75
CA ILE A 48 4.08 -24.76 5.05
C ILE A 48 5.21 -24.21 5.94
N ASN A 49 6.40 -24.79 5.84
CA ASN A 49 7.53 -24.30 6.60
C ASN A 49 7.91 -22.87 6.23
N SER A 50 7.52 -22.42 5.05
CA SER A 50 7.87 -21.07 4.61
C SER A 50 6.81 -20.06 5.03
N LEU A 51 5.71 -20.56 5.57
CA LEU A 51 4.58 -19.69 5.93
C LEU A 51 4.70 -19.25 7.39
N SER A 52 4.91 -17.97 7.62
CA SER A 52 5.02 -17.49 9.00
C SER A 52 3.62 -17.21 9.55
N LEU A 53 2.91 -18.26 9.92
CA LEU A 53 1.55 -18.15 10.42
C LEU A 53 1.54 -17.41 11.75
N SER A 54 0.53 -16.58 11.96
CA SER A 54 0.30 -16.00 13.27
C SER A 54 -1.11 -15.46 13.28
N ARG A 55 -1.62 -15.22 14.48
CA ARG A 55 -2.95 -14.68 14.65
C ARG A 55 -3.16 -13.45 13.74
N ASP A 56 -2.21 -12.52 13.76
CA ASP A 56 -2.38 -11.22 13.10
C ASP A 56 -2.04 -11.18 11.62
N THR A 57 -1.32 -12.18 11.12
CA THR A 57 -0.91 -12.19 9.73
C THR A 57 -1.54 -13.32 8.92
N ILE A 58 -0.74 -14.32 8.57
CA ILE A 58 -1.26 -15.43 7.78
C ILE A 58 -2.03 -16.44 8.64
N ASN A 59 -3.26 -16.73 8.26
CA ASN A 59 -4.02 -17.81 8.85
C ASN A 59 -4.25 -18.87 7.77
N LEU A 60 -3.91 -20.11 8.07
CA LEU A 60 -4.01 -21.18 7.09
C LEU A 60 -5.34 -21.89 7.21
N TYR A 61 -5.93 -22.19 6.06
CA TYR A 61 -7.04 -23.15 5.99
C TYR A 61 -6.52 -24.28 5.12
N MET A 62 -6.96 -25.50 5.37
CA MET A 62 -6.43 -26.59 4.57
C MET A 62 -7.49 -27.64 4.32
N ASN A 63 -7.62 -28.02 3.05
CA ASN A 63 -8.60 -29.04 2.68
C ASN A 63 -7.91 -30.10 1.86
N LEU A 64 -8.31 -31.36 2.07
CA LEU A 64 -7.84 -32.47 1.26
C LEU A 64 -9.00 -32.97 0.40
N PHE A 65 -8.84 -32.93 -0.93
CA PHE A 65 -9.94 -33.34 -1.80
C PHE A 65 -9.64 -34.60 -2.59
N GLY A 66 -10.57 -35.54 -2.49
CA GLY A 66 -10.51 -36.82 -3.19
C GLY A 66 -11.92 -37.10 -3.63
N SER A 67 -12.44 -38.28 -3.30
CA SER A 67 -13.83 -38.57 -3.61
C SER A 67 -14.72 -37.61 -2.82
N TYR A 68 -14.32 -37.36 -1.58
CA TYR A 68 -14.98 -36.36 -0.75
C TYR A 68 -13.99 -35.23 -0.53
N THR A 69 -14.46 -34.12 0.04
CA THR A 69 -13.51 -33.12 0.52
C THR A 69 -13.43 -33.25 2.03
N THR A 70 -12.26 -33.00 2.57
CA THR A 70 -12.07 -33.14 4.01
C THR A 70 -11.40 -31.87 4.49
N GLU A 71 -12.12 -31.15 5.35
CA GLU A 71 -11.57 -29.95 5.97
C GLU A 71 -10.59 -30.34 7.08
N LEU A 72 -9.31 -30.07 6.87
CA LEU A 72 -8.26 -30.51 7.81
C LEU A 72 -7.94 -29.44 8.83
N ILE A 73 -7.87 -28.18 8.38
CA ILE A 73 -7.56 -27.06 9.27
C ILE A 73 -8.52 -25.90 9.03
N ARG A 74 -9.21 -25.44 10.08
CA ARG A 74 -10.08 -24.26 10.03
C ARG A 74 -9.34 -22.96 10.32
N LEU A 75 -9.64 -21.92 9.55
CA LEU A 75 -9.10 -20.58 9.78
C LEU A 75 -9.23 -20.14 11.22
N GLY A 76 -8.12 -19.70 11.82
CA GLY A 76 -8.15 -19.17 13.18
C GLY A 76 -7.78 -20.12 14.32
N SER A 77 -7.84 -21.42 14.08
CA SER A 77 -7.47 -22.39 15.12
C SER A 77 -5.96 -22.39 15.40
N GLY A 78 -5.55 -23.11 16.45
CA GLY A 78 -4.14 -23.36 16.70
C GLY A 78 -3.32 -23.78 15.49
N GLN A 79 -3.83 -24.76 14.72
CA GLN A 79 -3.11 -25.27 13.57
C GLN A 79 -3.16 -24.30 12.40
N SER A 80 -4.06 -23.32 12.47
CA SER A 80 -4.16 -22.33 11.42
C SER A 80 -3.10 -21.23 11.59
N ILE A 81 -2.76 -20.93 12.85
CA ILE A 81 -1.89 -19.79 13.13
C ILE A 81 -0.50 -20.17 13.68
N ASP A 82 -0.21 -21.46 13.74
CA ASP A 82 1.06 -21.95 14.28
C ASP A 82 1.63 -22.96 13.31
N LYS A 83 2.69 -22.55 12.62
CA LYS A 83 3.33 -23.36 11.57
C LYS A 83 3.69 -24.77 12.07
N ARG A 84 4.16 -24.86 13.32
CA ARG A 84 4.59 -26.13 13.87
C ARG A 84 3.39 -27.10 13.95
N GLN A 85 2.25 -26.59 14.41
N GLN A 85 2.25 -26.59 14.41
CA GLN A 85 1.05 -27.39 14.48
CA GLN A 85 1.03 -27.37 14.48
C GLN A 85 0.55 -27.80 13.08
C GLN A 85 0.55 -27.79 13.09
N ALA A 86 0.68 -26.91 12.11
CA ALA A 86 0.27 -27.23 10.73
C ALA A 86 1.15 -28.34 10.14
N LEU A 87 2.44 -28.30 10.47
CA LEU A 87 3.37 -29.30 10.00
C LEU A 87 3.04 -30.69 10.58
N SER A 88 2.51 -30.71 11.80
CA SER A 88 2.07 -31.98 12.39
C SER A 88 0.96 -32.63 11.57
N LYS A 89 0.12 -31.82 10.95
CA LYS A 89 -0.96 -32.34 10.14
C LYS A 89 -0.40 -33.03 8.90
N VAL A 90 0.64 -32.46 8.32
CA VAL A 90 1.27 -33.06 7.16
C VAL A 90 1.88 -34.43 7.51
N THR A 91 2.49 -34.50 8.69
CA THR A 91 3.09 -35.72 9.18
C THR A 91 2.04 -36.79 9.38
N GLU A 92 0.92 -36.39 9.99
CA GLU A 92 -0.23 -37.25 10.13
C GLU A 92 -0.67 -37.80 8.76
N LEU A 93 -0.71 -36.93 7.74
CA LEU A 93 -1.10 -37.38 6.40
C LEU A 93 -0.08 -38.37 5.80
N ARG A 94 1.21 -38.10 5.99
CA ARG A 94 2.23 -39.05 5.52
C ARG A 94 2.02 -40.43 6.10
N LYS A 95 1.67 -40.49 7.39
CA LYS A 95 1.63 -41.75 8.09
C LYS A 95 0.31 -42.50 7.91
N THR A 96 -0.77 -41.78 7.63
CA THR A 96 -2.09 -42.41 7.70
C THR A 96 -2.98 -42.23 6.47
N TYR A 97 -2.52 -41.47 5.48
CA TYR A 97 -3.35 -41.25 4.31
C TYR A 97 -2.76 -41.84 3.05
N THR A 98 -3.58 -42.61 2.35
CA THR A 98 -3.20 -43.12 1.04
C THR A 98 -4.12 -42.47 -0.01
N PRO A 99 -3.54 -41.78 -1.01
CA PRO A 99 -4.39 -41.16 -2.03
C PRO A 99 -5.25 -42.19 -2.78
N TYR A 100 -6.52 -41.87 -2.98
CA TYR A 100 -7.45 -42.80 -3.61
C TYR A 100 -8.64 -42.00 -4.11
N GLY A 101 -9.41 -42.60 -5.01
CA GLY A 101 -10.71 -42.09 -5.36
C GLY A 101 -10.72 -41.03 -6.46
N THR A 102 -11.87 -40.39 -6.60
CA THR A 102 -12.02 -39.35 -7.60
C THR A 102 -11.48 -38.01 -7.07
N THR A 103 -11.79 -36.92 -7.75
CA THR A 103 -11.07 -35.68 -7.57
C THR A 103 -12.03 -34.50 -7.44
N SER A 104 -12.49 -34.23 -6.22
CA SER A 104 -13.57 -33.24 -6.02
C SER A 104 -12.99 -31.83 -5.98
N MET A 105 -12.44 -31.39 -7.10
CA MET A 105 -11.70 -30.14 -7.14
C MET A 105 -12.67 -28.96 -7.05
N THR A 106 -13.76 -29.05 -7.79
CA THR A 106 -14.83 -28.06 -7.71
C THR A 106 -15.41 -27.93 -6.30
N ALA A 107 -15.66 -29.04 -5.61
CA ALA A 107 -16.20 -28.95 -4.25
C ALA A 107 -15.21 -28.29 -3.28
N ALA A 108 -13.92 -28.52 -3.49
CA ALA A 108 -12.89 -27.95 -2.63
C ALA A 108 -12.84 -26.43 -2.82
N LEU A 109 -12.85 -25.99 -4.07
CA LEU A 109 -12.91 -24.56 -4.38
C LEU A 109 -14.19 -23.96 -3.84
N ASP A 110 -15.29 -24.71 -3.91
CA ASP A 110 -16.56 -24.26 -3.35
C ASP A 110 -16.55 -24.01 -1.83
N GLU A 111 -15.67 -24.72 -1.11
CA GLU A 111 -15.50 -24.46 0.33
C GLU A 111 -14.92 -23.06 0.56
N VAL A 112 -14.04 -22.61 -0.34
CA VAL A 112 -13.53 -21.24 -0.27
C VAL A 112 -14.68 -20.25 -0.49
N GLN A 113 -15.45 -20.46 -1.57
CA GLN A 113 -16.63 -19.66 -1.83
C GLN A 113 -17.52 -19.57 -0.60
N LYS A 114 -17.69 -20.71 0.08
CA LYS A 114 -18.57 -20.74 1.24
C LYS A 114 -18.05 -19.83 2.38
N HIS A 115 -16.73 -19.79 2.56
CA HIS A 115 -16.10 -18.88 3.54
C HIS A 115 -16.46 -17.44 3.24
N LEU A 116 -16.31 -17.04 1.99
CA LEU A 116 -16.63 -15.67 1.57
C LEU A 116 -18.10 -15.40 1.77
N ASN A 117 -18.93 -16.36 1.36
CA ASN A 117 -20.38 -16.20 1.47
C ASN A 117 -20.83 -16.08 2.92
N ASP A 118 -20.16 -16.80 3.81
CA ASP A 118 -20.57 -16.82 5.21
C ASP A 118 -19.89 -15.72 6.00
N ARG A 119 -19.02 -14.96 5.34
CA ARG A 119 -18.23 -13.90 5.98
C ARG A 119 -17.39 -14.46 7.14
N VAL A 120 -16.82 -15.64 6.91
CA VAL A 120 -15.91 -16.30 7.85
C VAL A 120 -14.47 -15.81 7.67
N ASN A 121 -14.11 -15.38 6.46
CA ASN A 121 -12.78 -14.81 6.22
C ASN A 121 -12.64 -13.47 6.95
N ARG A 122 -11.42 -13.01 7.09
CA ARG A 122 -11.19 -11.65 7.61
C ARG A 122 -11.35 -10.67 6.46
N GLU A 123 -12.23 -9.68 6.65
CA GLU A 123 -12.58 -8.74 5.60
C GLU A 123 -11.39 -7.99 5.02
N LYS A 124 -10.41 -7.69 5.85
CA LYS A 124 -9.25 -6.92 5.38
C LYS A 124 -8.12 -7.80 4.87
N ALA A 125 -8.28 -9.11 5.01
CA ALA A 125 -7.23 -10.06 4.61
C ALA A 125 -7.23 -10.31 3.10
N ILE A 126 -6.03 -10.38 2.53
CA ILE A 126 -5.84 -10.95 1.22
C ILE A 126 -6.36 -12.38 1.23
N GLN A 127 -7.12 -12.72 0.19
CA GLN A 127 -7.68 -14.06 0.05
C GLN A 127 -6.83 -14.81 -0.96
N LEU A 128 -6.14 -15.85 -0.50
CA LEU A 128 -5.20 -16.54 -1.37
C LEU A 128 -5.47 -18.05 -1.38
N VAL A 129 -5.76 -18.57 -2.56
CA VAL A 129 -5.94 -20.00 -2.72
C VAL A 129 -4.67 -20.61 -3.31
N ILE A 130 -4.18 -21.66 -2.68
CA ILE A 130 -3.12 -22.44 -3.29
C ILE A 130 -3.70 -23.80 -3.66
N LEU A 131 -3.82 -24.06 -4.97
CA LEU A 131 -4.43 -25.30 -5.47
C LEU A 131 -3.31 -26.25 -5.87
N MET A 132 -3.19 -27.35 -5.15
CA MET A 132 -2.08 -28.25 -5.37
C MET A 132 -2.68 -29.48 -6.03
N THR A 133 -2.38 -29.72 -7.30
CA THR A 133 -3.12 -30.73 -8.04
C THR A 133 -2.38 -31.26 -9.28
N ASP A 134 -2.79 -32.43 -9.78
CA ASP A 134 -2.29 -32.88 -11.07
C ASP A 134 -3.14 -32.33 -12.23
N GLY A 135 -4.18 -31.60 -11.88
CA GLY A 135 -4.96 -30.90 -12.89
C GLY A 135 -5.93 -31.78 -13.66
N VAL A 136 -6.41 -32.84 -13.02
CA VAL A 136 -7.36 -33.76 -13.64
C VAL A 136 -8.58 -33.90 -12.74
N PRO A 137 -9.49 -32.91 -12.77
CA PRO A 137 -10.62 -32.84 -11.84
C PRO A 137 -11.73 -33.77 -12.30
N ASN A 138 -12.74 -34.00 -11.44
CA ASN A 138 -13.90 -34.75 -11.89
C ASN A 138 -14.57 -34.11 -13.13
N SER A 139 -14.54 -32.78 -13.20
CA SER A 139 -15.10 -32.05 -14.35
C SER A 139 -14.32 -30.77 -14.62
N LYS A 140 -13.67 -30.71 -15.78
CA LYS A 140 -12.87 -29.54 -16.13
C LYS A 140 -13.68 -28.24 -16.17
N TYR A 141 -14.81 -28.27 -16.86
CA TYR A 141 -15.64 -27.06 -16.94
C TYR A 141 -16.04 -26.58 -15.54
N ARG A 142 -16.50 -27.49 -14.68
CA ARG A 142 -17.04 -27.08 -13.38
C ARG A 142 -15.95 -26.49 -12.46
N ALA A 143 -14.72 -27.01 -12.58
CA ALA A 143 -13.62 -26.54 -11.74
C ALA A 143 -13.18 -25.15 -12.21
N LEU A 144 -13.08 -24.97 -13.53
CA LEU A 144 -12.79 -23.66 -14.12
C LEU A 144 -13.83 -22.63 -13.72
N GLU A 145 -15.08 -23.05 -13.72
CA GLU A 145 -16.19 -22.13 -13.44
C GLU A 145 -16.05 -21.57 -12.04
N VAL A 146 -15.80 -22.44 -11.06
CA VAL A 146 -15.76 -21.94 -9.69
C VAL A 146 -14.48 -21.13 -9.45
N ALA A 147 -13.38 -21.55 -10.09
CA ALA A 147 -12.13 -20.80 -9.96
C ALA A 147 -12.33 -19.37 -10.50
N ASN A 148 -12.99 -19.26 -11.66
CA ASN A 148 -13.27 -17.95 -12.24
C ASN A 148 -14.17 -17.11 -11.35
N LYS A 149 -15.16 -17.73 -10.71
CA LYS A 149 -15.98 -16.99 -9.76
C LYS A 149 -15.15 -16.45 -8.59
N LEU A 150 -14.19 -17.25 -8.11
CA LEU A 150 -13.31 -16.80 -7.04
C LEU A 150 -12.48 -15.58 -7.45
N LYS A 151 -11.91 -15.63 -8.66
CA LYS A 151 -11.10 -14.53 -9.17
C LYS A 151 -11.90 -13.24 -9.27
N GLN A 152 -13.15 -13.33 -9.71
CA GLN A 152 -14.04 -12.18 -9.82
C GLN A 152 -14.43 -11.60 -8.47
N ARG A 153 -14.10 -12.29 -7.38
CA ARG A 153 -14.33 -11.78 -6.03
C ARG A 153 -13.00 -11.33 -5.41
N ASN A 154 -11.98 -11.14 -6.25
CA ASN A 154 -10.67 -10.66 -5.82
C ASN A 154 -9.81 -11.70 -5.06
N VAL A 155 -10.15 -12.98 -5.20
CA VAL A 155 -9.34 -14.03 -4.65
C VAL A 155 -8.15 -14.36 -5.56
N ARG A 156 -6.96 -14.42 -5.00
CA ARG A 156 -5.78 -14.77 -5.76
C ARG A 156 -5.68 -16.30 -5.79
N LEU A 157 -5.25 -16.85 -6.92
CA LEU A 157 -5.11 -18.28 -7.07
C LEU A 157 -3.71 -18.62 -7.57
N ALA A 158 -3.01 -19.50 -6.85
CA ALA A 158 -1.75 -20.04 -7.34
C ALA A 158 -1.89 -21.53 -7.47
N VAL A 159 -1.30 -22.10 -8.51
CA VAL A 159 -1.38 -23.54 -8.71
C VAL A 159 -0.01 -24.18 -8.54
N ILE A 160 0.03 -25.25 -7.75
CA ILE A 160 1.23 -26.07 -7.62
C ILE A 160 0.94 -27.43 -8.24
N GLY A 161 1.69 -27.79 -9.28
CA GLY A 161 1.51 -29.08 -9.90
C GLY A 161 2.14 -30.18 -9.08
N ILE A 162 1.35 -31.21 -8.73
CA ILE A 162 1.87 -32.43 -8.09
C ILE A 162 1.29 -33.68 -8.77
N GLY A 163 1.80 -34.87 -8.43
CA GLY A 163 1.28 -36.12 -8.96
C GLY A 163 2.16 -36.73 -10.03
N GLN A 164 1.97 -38.02 -10.29
CA GLN A 164 2.73 -38.73 -11.31
C GLN A 164 2.39 -38.34 -12.76
N GLY A 165 1.17 -37.87 -12.99
CA GLY A 165 0.75 -37.54 -14.35
C GLY A 165 0.08 -36.18 -14.40
N ILE A 166 0.89 -35.12 -14.48
CA ILE A 166 0.37 -33.76 -14.42
C ILE A 166 -0.19 -33.25 -15.74
N ASN A 167 -1.43 -32.75 -15.72
CA ASN A 167 -1.97 -32.06 -16.88
C ASN A 167 -1.64 -30.58 -16.80
N HIS A 168 -0.48 -30.21 -17.36
CA HIS A 168 0.00 -28.83 -17.34
C HIS A 168 -0.90 -27.86 -18.09
N GLN A 169 -1.55 -28.35 -19.14
CA GLN A 169 -2.42 -27.52 -19.93
C GLN A 169 -3.59 -27.05 -19.06
N PHE A 170 -4.18 -27.97 -18.30
CA PHE A 170 -5.28 -27.60 -17.43
C PHE A 170 -4.83 -26.72 -16.26
N ASN A 171 -3.71 -27.09 -15.65
CA ASN A 171 -3.16 -26.31 -14.55
C ASN A 171 -2.90 -24.88 -15.00
N ARG A 172 -2.29 -24.73 -16.17
CA ARG A 172 -2.00 -23.40 -16.73
C ARG A 172 -3.26 -22.60 -17.01
N LEU A 173 -4.30 -23.29 -17.46
CA LEU A 173 -5.56 -22.63 -17.79
C LEU A 173 -6.25 -22.15 -16.50
N ILE A 174 -6.39 -23.04 -15.53
CA ILE A 174 -7.08 -22.63 -14.31
C ILE A 174 -6.27 -21.55 -13.54
N ALA A 175 -4.95 -21.56 -13.70
CA ALA A 175 -4.08 -20.56 -13.07
C ALA A 175 -4.13 -19.21 -13.80
N GLY A 176 -4.54 -19.24 -15.07
CA GLY A 176 -4.64 -18.02 -15.85
C GLY A 176 -3.36 -17.67 -16.58
N CYS A 177 -2.48 -18.66 -16.76
CA CYS A 177 -1.25 -18.46 -17.53
C CYS A 177 -1.55 -18.15 -19.01
N ARG A 178 -0.84 -17.17 -19.58
CA ARG A 178 -1.00 -16.79 -20.98
C ARG A 178 -0.08 -17.62 -21.88
N PRO A 179 -0.55 -17.94 -23.10
CA PRO A 179 0.29 -18.64 -24.07
C PRO A 179 1.47 -17.77 -24.50
N ARG A 180 2.58 -18.40 -24.90
CA ARG A 180 3.78 -17.67 -25.34
C ARG A 180 4.36 -16.79 -24.24
N GLU A 181 4.03 -17.08 -22.99
CA GLU A 181 4.57 -16.31 -21.87
C GLU A 181 5.45 -17.15 -20.95
N PRO A 182 6.74 -16.78 -20.88
CA PRO A 182 7.76 -17.45 -20.07
C PRO A 182 7.53 -17.25 -18.59
N ASN A 183 7.67 -18.32 -17.82
CA ASN A 183 7.61 -18.24 -16.36
C ASN A 183 6.32 -17.61 -15.86
N CYS A 184 5.24 -18.37 -15.89
CA CYS A 184 3.96 -17.91 -15.38
C CYS A 184 4.08 -17.68 -13.88
N LYS A 185 3.54 -16.57 -13.41
CA LYS A 185 3.63 -16.20 -12.00
C LYS A 185 2.58 -16.88 -11.14
N PHE A 186 1.75 -17.72 -11.76
CA PHE A 186 0.63 -18.33 -11.05
C PHE A 186 0.69 -19.86 -11.01
N TYR A 187 1.70 -20.42 -11.66
CA TYR A 187 1.83 -21.87 -11.75
C TYR A 187 3.29 -22.30 -11.57
N SER A 188 3.49 -23.32 -10.75
CA SER A 188 4.82 -23.89 -10.53
C SER A 188 4.67 -25.41 -10.41
N TYR A 189 5.61 -26.16 -10.97
CA TYR A 189 5.51 -27.63 -10.92
C TYR A 189 6.85 -28.30 -10.68
N ALA A 190 7.75 -27.60 -10.02
CA ALA A 190 9.05 -28.16 -9.65
C ALA A 190 9.02 -28.58 -8.19
N ASP A 191 10.06 -28.23 -7.44
CA ASP A 191 10.14 -28.62 -6.03
C ASP A 191 9.63 -27.52 -5.12
N TRP A 192 9.75 -27.72 -3.81
CA TRP A 192 9.15 -26.79 -2.86
C TRP A 192 9.80 -25.42 -2.91
N ASN A 193 11.08 -25.38 -3.29
CA ASN A 193 11.80 -24.12 -3.44
C ASN A 193 11.11 -23.21 -4.45
N GLU A 194 10.77 -23.76 -5.60
CA GLU A 194 10.11 -23.00 -6.65
C GLU A 194 8.70 -22.62 -6.21
N ALA A 195 8.01 -23.52 -5.52
CA ALA A 195 6.68 -23.20 -5.00
C ALA A 195 6.73 -22.05 -4.00
N VAL A 196 7.68 -22.12 -3.07
CA VAL A 196 7.88 -21.06 -2.07
C VAL A 196 8.13 -19.72 -2.75
N ALA A 197 9.05 -19.68 -3.71
CA ALA A 197 9.32 -18.46 -4.48
C ALA A 197 8.08 -17.95 -5.24
N LEU A 198 7.24 -18.86 -5.72
CA LEU A 198 6.02 -18.47 -6.45
C LEU A 198 5.04 -17.76 -5.52
N ILE A 199 4.94 -18.27 -4.30
CA ILE A 199 3.98 -17.79 -3.32
C ILE A 199 4.38 -16.43 -2.71
N LYS A 200 5.69 -16.21 -2.58
CA LYS A 200 6.23 -15.03 -1.86
C LYS A 200 5.62 -13.67 -2.26
N PRO A 201 5.63 -13.31 -3.55
CA PRO A 201 5.01 -12.03 -3.92
C PRO A 201 3.52 -11.91 -3.54
N PHE A 202 2.80 -13.03 -3.44
CA PHE A 202 1.38 -12.99 -3.08
C PHE A 202 1.14 -12.62 -1.63
N ILE A 203 2.13 -12.85 -0.77
CA ILE A 203 1.90 -12.70 0.66
C ILE A 203 2.82 -11.71 1.34
N ALA A 204 3.64 -11.02 0.54
CA ALA A 204 4.58 -10.04 1.07
C ALA A 204 3.87 -8.91 1.80
N LYS A 205 4.44 -8.52 2.94
CA LYS A 205 3.99 -7.34 3.68
C LYS A 205 4.66 -6.12 3.07
N VAL A 206 3.86 -5.15 2.66
CA VAL A 206 4.37 -3.90 2.10
C VAL A 206 3.63 -2.73 2.75
N CYS A 207 4.35 -1.90 3.50
CA CYS A 207 3.69 -0.83 4.25
C CYS A 207 3.73 0.52 3.54
N THR A 208 2.54 1.11 3.37
CA THR A 208 2.45 2.47 2.86
C THR A 208 1.62 3.30 3.82
N GLU A 209 1.82 4.61 3.77
CA GLU A 209 1.08 5.53 4.60
C GLU A 209 0.08 6.29 3.74
N VAL A 210 -1.20 6.13 4.06
CA VAL A 210 -2.27 6.72 3.27
C VAL A 210 -3.13 7.64 4.13
N GLU A 211 -3.95 8.45 3.48
CA GLU A 211 -4.92 9.26 4.21
C GLU A 211 -6.31 8.61 4.04
N ARG A 212 -7.14 8.75 5.06
CA ARG A 212 -8.46 8.13 5.05
C ARG A 212 -9.53 9.15 5.44
N VAL A 213 -10.73 8.97 4.92
CA VAL A 213 -11.85 9.86 5.23
C VAL A 213 -13.04 9.10 5.81
N ALA A 214 -13.61 9.63 6.88
CA ALA A 214 -14.78 9.06 7.52
C ALA A 214 -15.88 10.10 7.67
N ASN A 215 -17.13 9.69 7.46
CA ASN A 215 -18.25 10.60 7.57
C ASN A 215 -18.86 10.56 8.96
N CYS A 216 -18.84 11.70 9.63
CA CYS A 216 -19.25 11.78 11.04
C CYS A 216 -20.72 12.13 11.19
N GLY A 217 -21.35 12.47 10.07
CA GLY A 217 -22.76 12.82 10.07
C GLY A 217 -23.05 14.19 10.64
N PRO A 218 -24.32 14.59 10.63
CA PRO A 218 -24.73 15.91 11.10
C PRO A 218 -24.64 16.04 12.62
N TRP A 219 -24.56 17.28 13.10
CA TRP A 219 -24.56 17.54 14.53
C TRP A 219 -25.99 17.70 15.03
N ASP A 220 -26.19 17.46 16.33
CA ASP A 220 -27.43 17.83 16.98
C ASP A 220 -27.47 19.35 17.03
N PRO A 221 -28.66 19.93 17.25
CA PRO A 221 -28.71 21.38 17.46
C PRO A 221 -27.85 21.83 18.63
N TRP A 222 -27.23 23.00 18.52
CA TRP A 222 -26.56 23.65 19.64
C TRP A 222 -27.52 23.80 20.81
N THR A 223 -27.04 23.50 22.01
CA THR A 223 -27.86 23.66 23.21
C THR A 223 -28.03 25.14 23.54
N ALA A 224 -28.92 25.45 24.47
CA ALA A 224 -29.09 26.82 24.94
C ALA A 224 -27.83 27.27 25.65
N CYS A 225 -27.65 28.59 25.78
CA CYS A 225 -26.48 29.13 26.46
C CYS A 225 -26.51 28.76 27.94
N SER A 226 -25.32 28.51 28.52
CA SER A 226 -25.22 28.11 29.91
C SER A 226 -25.73 29.20 30.86
N VAL A 227 -25.68 30.44 30.41
CA VAL A 227 -26.18 31.57 31.17
C VAL A 227 -27.25 32.27 30.33
N THR A 228 -28.24 32.86 31.00
CA THR A 228 -29.29 33.61 30.30
C THR A 228 -28.94 35.09 30.22
N CYS A 229 -27.79 35.45 30.78
CA CYS A 229 -27.26 36.80 30.65
C CYS A 229 -25.73 36.77 30.75
N GLY A 230 -25.07 37.67 30.02
CA GLY A 230 -23.63 37.74 30.02
C GLY A 230 -22.98 36.66 29.17
N ARG A 231 -21.66 36.53 29.29
CA ARG A 231 -20.93 35.56 28.49
C ARG A 231 -20.93 34.17 29.14
N GLY A 232 -21.32 33.17 28.37
CA GLY A 232 -21.32 31.80 28.83
C GLY A 232 -20.84 30.85 27.74
N THR A 233 -21.24 29.58 27.84
CA THR A 233 -20.89 28.59 26.83
C THR A 233 -22.09 27.71 26.49
N HIS A 234 -21.97 26.96 25.40
CA HIS A 234 -22.94 25.92 25.04
C HIS A 234 -22.26 24.86 24.22
N SER A 235 -22.98 23.79 23.89
CA SER A 235 -22.36 22.68 23.18
C SER A 235 -23.31 21.97 22.23
N ARG A 236 -22.73 21.22 21.29
CA ARG A 236 -23.51 20.32 20.44
C ARG A 236 -22.83 18.96 20.33
N SER A 237 -23.64 17.92 20.28
CA SER A 237 -23.14 16.55 20.26
C SER A 237 -23.63 15.78 19.04
N ARG A 238 -23.10 14.58 18.87
CA ARG A 238 -23.51 13.70 17.78
C ARG A 238 -23.02 12.28 18.05
N PRO A 239 -23.78 11.28 17.60
CA PRO A 239 -23.33 9.88 17.75
C PRO A 239 -22.04 9.63 16.96
N SER A 240 -21.15 8.83 17.54
CA SER A 240 -19.90 8.47 16.87
C SER A 240 -20.17 7.46 15.76
N LEU A 241 -19.91 7.86 14.52
CA LEU A 241 -20.11 6.97 13.38
C LEU A 241 -18.78 6.35 12.96
N HIS A 242 -17.71 6.76 13.65
CA HIS A 242 -16.37 6.25 13.39
C HIS A 242 -15.51 6.60 14.59
N GLU A 243 -14.43 5.83 14.79
CA GLU A 243 -13.53 6.02 15.93
C GLU A 243 -12.95 7.43 16.02
N LYS A 244 -12.46 7.94 14.89
CA LYS A 244 -11.78 9.23 14.87
C LYS A 244 -12.71 10.41 14.56
N CYS A 245 -14.01 10.20 14.75
CA CYS A 245 -14.99 11.27 14.59
C CYS A 245 -15.15 12.03 15.90
N THR A 246 -15.09 13.36 15.83
CA THR A 246 -15.37 14.21 16.98
C THR A 246 -16.84 14.10 17.37
N THR A 247 -17.12 13.90 18.66
CA THR A 247 -18.49 13.68 19.11
C THR A 247 -19.07 14.85 19.91
N HIS A 248 -18.19 15.64 20.54
CA HIS A 248 -18.64 16.77 21.33
C HIS A 248 -17.89 18.04 20.91
N MET A 249 -18.50 19.18 21.15
CA MET A 249 -17.98 20.45 20.65
C MET A 249 -18.56 21.61 21.44
N VAL A 250 -17.69 22.37 22.09
CA VAL A 250 -18.11 23.48 22.94
C VAL A 250 -17.63 24.83 22.43
N SER A 251 -18.54 25.78 22.34
CA SER A 251 -18.22 27.14 21.92
C SER A 251 -18.79 28.16 22.91
N GLU A 252 -18.31 29.39 22.84
CA GLU A 252 -18.79 30.44 23.73
C GLU A 252 -19.98 31.18 23.13
N CYS A 253 -20.86 31.68 24.00
CA CYS A 253 -22.03 32.44 23.58
C CYS A 253 -22.29 33.58 24.57
N GLU A 254 -23.14 34.52 24.17
CA GLU A 254 -23.45 35.66 25.02
C GLU A 254 -24.90 36.12 24.84
N GLU A 255 -25.71 35.91 25.88
CA GLU A 255 -27.11 36.31 25.85
C GLU A 255 -27.28 37.74 26.39
N GLY A 256 -26.61 38.69 25.74
CA GLY A 256 -26.68 40.08 26.16
C GLY A 256 -25.75 40.38 27.33
N GLU A 257 -26.17 41.33 28.16
CA GLU A 257 -25.37 41.71 29.33
C GLU A 257 -26.16 41.53 30.62
N CYS A 258 -25.44 41.37 31.73
CA CYS A 258 -26.07 41.27 33.04
C CYS A 258 -26.28 42.66 33.63
N PRO A 259 -27.52 42.95 34.07
CA PRO A 259 -27.86 44.28 34.60
C PRO A 259 -27.27 44.54 35.99
N VAL B 4 9.84 -7.85 28.72
CA VAL B 4 10.78 -7.10 27.88
C VAL B 4 11.77 -8.12 27.41
N VAL B 5 12.03 -9.08 28.30
CA VAL B 5 12.91 -10.19 28.01
C VAL B 5 12.44 -10.88 26.74
N ASP B 6 11.13 -10.88 26.50
CA ASP B 6 10.55 -11.62 25.37
C ASP B 6 9.99 -10.72 24.29
N GLU B 7 10.61 -9.57 24.11
CA GLU B 7 10.25 -8.70 23.02
C GLU B 7 11.42 -8.60 22.06
N VAL B 8 11.12 -8.47 20.79
CA VAL B 8 12.16 -8.38 19.79
C VAL B 8 12.01 -7.07 19.03
N LYS B 9 13.14 -6.41 18.82
CA LYS B 9 13.15 -5.13 18.11
C LYS B 9 13.56 -5.36 16.67
N TYR B 10 12.91 -4.65 15.76
CA TYR B 10 13.19 -4.78 14.33
C TYR B 10 12.75 -3.50 13.63
N SER B 11 13.13 -3.36 12.37
CA SER B 11 12.70 -2.19 11.60
C SER B 11 11.97 -2.60 10.34
N GLU B 12 10.97 -1.80 9.98
CA GLU B 12 10.13 -2.06 8.83
C GLU B 12 10.03 -0.82 7.96
N GLU B 13 10.18 -1.01 6.65
CA GLU B 13 10.07 0.12 5.73
C GLU B 13 8.62 0.53 5.54
N VAL B 14 8.36 1.83 5.68
CA VAL B 14 7.07 2.39 5.35
C VAL B 14 7.27 3.47 4.30
N CYS B 15 6.57 3.33 3.17
CA CYS B 15 6.72 4.27 2.07
C CYS B 15 5.51 5.19 2.00
N ASN B 16 5.74 6.45 1.66
CA ASN B 16 4.66 7.41 1.47
C ASN B 16 4.71 7.93 0.03
N GLU B 17 3.64 7.69 -0.71
CA GLU B 17 3.56 8.11 -2.11
C GLU B 17 2.80 9.42 -2.32
N GLN B 18 2.35 10.03 -1.22
CA GLN B 18 1.52 11.23 -1.31
C GLN B 18 2.32 12.47 -1.68
N VAL B 19 1.90 13.15 -2.76
CA VAL B 19 2.55 14.40 -3.18
C VAL B 19 1.50 15.47 -3.48
N ASP B 20 1.54 16.56 -2.74
CA ASP B 20 0.76 17.74 -3.05
C ASP B 20 1.61 18.62 -3.95
N LEU B 21 1.19 18.78 -5.19
CA LEU B 21 1.98 19.48 -6.19
C LEU B 21 1.27 20.76 -6.62
N TYR B 22 1.87 21.89 -6.27
CA TYR B 22 1.32 23.20 -6.58
C TYR B 22 1.99 23.74 -7.83
N LEU B 23 1.28 23.65 -8.95
CA LEU B 23 1.78 24.18 -10.21
C LEU B 23 1.34 25.63 -10.38
N LEU B 24 2.31 26.53 -10.35
CA LEU B 24 2.05 27.97 -10.45
C LEU B 24 2.52 28.47 -11.81
N VAL B 25 1.57 28.91 -12.62
CA VAL B 25 1.85 29.22 -14.02
C VAL B 25 1.79 30.72 -14.28
N ASP B 26 2.90 31.26 -14.77
CA ASP B 26 3.02 32.67 -15.13
C ASP B 26 2.22 32.90 -16.41
N GLY B 27 1.13 33.65 -16.31
CA GLY B 27 0.35 34.00 -17.48
C GLY B 27 0.37 35.50 -17.73
N SER B 28 1.46 36.14 -17.34
CA SER B 28 1.58 37.60 -17.44
C SER B 28 1.93 38.07 -18.85
N GLY B 29 1.77 39.36 -19.08
CA GLY B 29 2.03 39.94 -20.40
C GLY B 29 3.40 39.65 -20.99
N SER B 30 4.42 39.57 -20.13
CA SER B 30 5.80 39.39 -20.58
C SER B 30 6.05 38.06 -21.29
N ILE B 31 5.25 37.04 -20.97
CA ILE B 31 5.45 35.72 -21.55
C ILE B 31 5.47 35.76 -23.09
N GLY B 32 4.52 36.50 -23.67
CA GLY B 32 4.43 36.63 -25.10
C GLY B 32 3.49 35.55 -25.62
N TYR B 33 2.67 35.92 -26.61
CA TYR B 33 1.67 34.99 -27.15
C TYR B 33 2.24 33.82 -27.96
N PRO B 34 3.15 34.08 -28.91
CA PRO B 34 3.75 32.95 -29.64
C PRO B 34 4.35 31.95 -28.68
N ASN B 35 5.09 32.46 -27.70
CA ASN B 35 5.71 31.61 -26.72
C ASN B 35 4.67 30.82 -25.92
N TRP B 36 3.59 31.49 -25.50
CA TRP B 36 2.48 30.82 -24.81
C TRP B 36 1.94 29.60 -25.58
N ILE B 37 1.36 29.84 -26.76
CA ILE B 37 0.78 28.76 -27.54
C ILE B 37 1.80 27.70 -27.99
N THR B 38 2.95 28.14 -28.48
CA THR B 38 3.91 27.24 -29.12
C THR B 38 4.80 26.47 -28.15
N LYS B 39 5.14 27.08 -27.01
CA LYS B 39 6.07 26.46 -26.06
C LYS B 39 5.45 26.11 -24.70
N VAL B 40 4.69 27.04 -24.13
CA VAL B 40 4.14 26.84 -22.78
C VAL B 40 3.02 25.81 -22.74
N ILE B 41 2.06 25.93 -23.65
CA ILE B 41 0.97 24.97 -23.69
C ILE B 41 1.50 23.53 -23.83
N PRO B 42 2.40 23.26 -24.80
CA PRO B 42 2.94 21.89 -24.85
C PRO B 42 3.77 21.52 -23.61
N MET B 43 4.43 22.51 -23.00
CA MET B 43 5.12 22.27 -21.73
C MET B 43 4.15 21.78 -20.65
N LEU B 44 2.99 22.44 -20.56
CA LEU B 44 2.00 22.06 -19.56
C LEU B 44 1.41 20.70 -19.88
N ASN B 45 1.17 20.44 -21.16
CA ASN B 45 0.64 19.16 -21.58
C ASN B 45 1.57 18.00 -21.24
N GLY B 46 2.86 18.14 -21.56
CA GLY B 46 3.82 17.07 -21.36
C GLY B 46 4.09 16.84 -19.89
N LEU B 47 4.14 17.92 -19.13
CA LEU B 47 4.40 17.86 -17.69
C LEU B 47 3.24 17.19 -16.94
N ILE B 48 2.03 17.68 -17.16
CA ILE B 48 0.85 17.14 -16.51
C ILE B 48 0.55 15.70 -16.94
N ASN B 49 0.83 15.39 -18.20
CA ASN B 49 0.64 14.04 -18.71
C ASN B 49 1.58 13.02 -18.08
N SER B 50 2.68 13.51 -17.50
CA SER B 50 3.68 12.63 -16.90
C SER B 50 3.37 12.37 -15.43
N LEU B 51 2.41 13.10 -14.87
CA LEU B 51 2.05 12.93 -13.48
C LEU B 51 1.05 11.80 -13.33
N SER B 52 1.38 10.79 -12.53
CA SER B 52 0.40 9.77 -12.19
C SER B 52 -0.50 10.28 -11.08
N LEU B 53 -1.54 11.02 -11.47
CA LEU B 53 -2.47 11.60 -10.51
C LEU B 53 -3.45 10.53 -10.00
N SER B 54 -3.69 10.53 -8.69
CA SER B 54 -4.71 9.69 -8.09
C SER B 54 -5.01 10.22 -6.69
N ARG B 55 -6.10 9.74 -6.09
CA ARG B 55 -6.52 10.18 -4.76
C ARG B 55 -5.39 10.03 -3.75
N ASP B 56 -4.70 8.89 -3.82
CA ASP B 56 -3.70 8.52 -2.82
C ASP B 56 -2.27 8.90 -3.15
N THR B 57 -2.00 9.26 -4.39
CA THR B 57 -0.64 9.62 -4.76
C THR B 57 -0.49 11.13 -4.99
N ILE B 58 -0.23 11.53 -6.23
CA ILE B 58 -0.07 12.94 -6.53
C ILE B 58 -1.43 13.64 -6.61
N ASN B 59 -1.54 14.76 -5.91
CA ASN B 59 -2.70 15.64 -6.01
C ASN B 59 -2.28 16.98 -6.59
N LEU B 60 -2.86 17.35 -7.72
CA LEU B 60 -2.45 18.56 -8.42
C LEU B 60 -3.22 19.79 -7.96
N TYR B 61 -2.50 20.84 -7.64
CA TYR B 61 -3.07 22.19 -7.51
C TYR B 61 -2.50 23.02 -8.66
N MET B 62 -3.31 23.89 -9.24
CA MET B 62 -2.85 24.71 -10.35
C MET B 62 -3.37 26.15 -10.27
N ASN B 63 -2.45 27.10 -10.35
CA ASN B 63 -2.80 28.52 -10.31
C ASN B 63 -2.21 29.24 -11.53
N LEU B 64 -2.99 30.14 -12.12
CA LEU B 64 -2.48 30.99 -13.17
C LEU B 64 -2.33 32.41 -12.62
N PHE B 65 -1.11 32.93 -12.60
CA PHE B 65 -0.89 34.27 -12.08
C PHE B 65 -0.55 35.33 -13.13
N GLY B 66 -1.27 36.43 -13.06
CA GLY B 66 -1.01 37.61 -13.86
C GLY B 66 -1.05 38.82 -12.94
N SER B 67 -1.93 39.76 -13.23
CA SER B 67 -2.15 40.89 -12.32
C SER B 67 -2.78 40.41 -11.03
N TYR B 68 -3.41 39.24 -11.09
CA TYR B 68 -4.00 38.62 -9.94
C TYR B 68 -3.81 37.12 -10.07
N THR B 69 -4.19 36.37 -9.03
CA THR B 69 -4.04 34.92 -9.03
C THR B 69 -5.38 34.24 -9.30
N THR B 70 -5.32 33.14 -10.04
CA THR B 70 -6.53 32.39 -10.36
C THR B 70 -6.33 30.90 -10.12
N GLU B 71 -7.09 30.35 -9.18
CA GLU B 71 -7.09 28.92 -8.93
C GLU B 71 -7.77 28.22 -10.11
N LEU B 72 -6.99 27.46 -10.88
CA LEU B 72 -7.53 26.72 -12.01
C LEU B 72 -7.92 25.29 -11.60
N ILE B 73 -7.13 24.70 -10.71
CA ILE B 73 -7.43 23.39 -10.15
C ILE B 73 -7.34 23.46 -8.63
N ARG B 74 -8.44 23.11 -7.97
CA ARG B 74 -8.50 23.08 -6.52
C ARG B 74 -7.84 21.79 -6.02
N LEU B 75 -6.94 21.92 -5.04
CA LEU B 75 -6.26 20.77 -4.45
C LEU B 75 -7.25 19.78 -3.86
N GLY B 76 -7.20 18.53 -4.32
CA GLY B 76 -8.03 17.48 -3.79
C GLY B 76 -9.36 17.31 -4.52
N SER B 77 -9.63 18.20 -5.48
CA SER B 77 -10.84 18.10 -6.28
C SER B 77 -10.74 16.96 -7.30
N GLY B 78 -11.78 16.79 -8.11
CA GLY B 78 -11.77 15.78 -9.16
C GLY B 78 -10.70 16.05 -10.20
N GLN B 79 -10.53 17.31 -10.55
CA GLN B 79 -9.50 17.71 -11.51
C GLN B 79 -8.11 17.56 -10.92
N SER B 80 -8.02 17.60 -9.60
CA SER B 80 -6.74 17.45 -8.90
C SER B 80 -6.17 16.04 -9.00
N ILE B 81 -7.07 15.04 -9.00
CA ILE B 81 -6.66 13.64 -8.92
C ILE B 81 -6.90 12.84 -10.20
N ASP B 82 -7.29 13.51 -11.28
CA ASP B 82 -7.59 12.83 -12.54
C ASP B 82 -6.83 13.49 -13.69
N LYS B 83 -5.92 12.72 -14.31
CA LYS B 83 -5.04 13.23 -15.35
C LYS B 83 -5.78 13.86 -16.52
N ARG B 84 -6.85 13.20 -16.96
CA ARG B 84 -7.62 13.68 -18.11
C ARG B 84 -8.38 14.97 -17.81
N GLN B 85 -8.97 15.06 -16.62
CA GLN B 85 -9.68 16.28 -16.23
C GLN B 85 -8.73 17.48 -16.11
N ALA B 86 -7.50 17.22 -15.68
CA ALA B 86 -6.51 18.29 -15.54
C ALA B 86 -6.05 18.75 -16.92
N LEU B 87 -5.91 17.80 -17.85
CA LEU B 87 -5.54 18.12 -19.23
C LEU B 87 -6.62 18.96 -19.93
N SER B 88 -7.87 18.82 -19.49
CA SER B 88 -8.96 19.60 -20.07
C SER B 88 -8.81 21.08 -19.70
N LYS B 89 -8.19 21.34 -18.55
CA LYS B 89 -7.91 22.69 -18.10
C LYS B 89 -6.81 23.35 -18.92
N VAL B 90 -5.83 22.56 -19.36
CA VAL B 90 -4.80 23.08 -20.25
C VAL B 90 -5.40 23.36 -21.64
N THR B 91 -6.25 22.45 -22.12
CA THR B 91 -6.96 22.66 -23.39
C THR B 91 -7.76 23.95 -23.33
N GLU B 92 -8.47 24.13 -22.23
CA GLU B 92 -9.21 25.34 -21.93
C GLU B 92 -8.32 26.58 -22.04
N LEU B 93 -7.11 26.50 -21.49
CA LEU B 93 -6.15 27.60 -21.52
C LEU B 93 -5.64 27.87 -22.94
N ARG B 94 -5.35 26.79 -23.65
CA ARG B 94 -4.87 26.89 -25.03
C ARG B 94 -5.88 27.62 -25.92
N LYS B 95 -7.16 27.37 -25.66
CA LYS B 95 -8.23 27.90 -26.50
C LYS B 95 -8.64 29.33 -26.13
N THR B 96 -8.62 29.65 -24.85
CA THR B 96 -9.24 30.89 -24.38
C THR B 96 -8.28 31.95 -23.84
N TYR B 97 -7.11 31.55 -23.37
CA TYR B 97 -6.25 32.48 -22.65
C TYR B 97 -5.12 33.12 -23.45
N THR B 98 -5.01 34.44 -23.34
CA THR B 98 -3.88 35.19 -23.86
C THR B 98 -3.16 35.85 -22.70
N PRO B 99 -1.84 35.64 -22.57
CA PRO B 99 -1.10 36.28 -21.47
C PRO B 99 -1.23 37.80 -21.50
N TYR B 100 -1.44 38.40 -20.34
CA TYR B 100 -1.57 39.84 -20.22
C TYR B 100 -1.50 40.21 -18.74
N GLY B 101 -1.29 41.50 -18.47
CA GLY B 101 -1.23 42.02 -17.11
C GLY B 101 0.16 41.89 -16.50
N THR B 102 0.27 42.22 -15.21
CA THR B 102 1.55 42.19 -14.52
C THR B 102 1.85 40.80 -13.99
N THR B 103 2.81 40.68 -13.08
CA THR B 103 3.33 39.37 -12.69
C THR B 103 3.32 39.15 -11.17
N SER B 104 2.16 38.74 -10.66
CA SER B 104 1.94 38.61 -9.22
C SER B 104 2.53 37.32 -8.65
N MET B 105 3.83 37.14 -8.82
CA MET B 105 4.48 35.91 -8.38
C MET B 105 4.37 35.71 -6.87
N THR B 106 4.59 36.78 -6.11
CA THR B 106 4.54 36.68 -4.66
C THR B 106 3.16 36.21 -4.20
N ALA B 107 2.12 36.79 -4.79
CA ALA B 107 0.75 36.41 -4.48
C ALA B 107 0.50 34.93 -4.76
N ALA B 108 1.03 34.44 -5.89
CA ALA B 108 0.86 33.05 -6.27
C ALA B 108 1.53 32.12 -5.27
N LEU B 109 2.74 32.48 -4.82
CA LEU B 109 3.44 31.69 -3.82
C LEU B 109 2.72 31.75 -2.48
N ASP B 110 2.09 32.88 -2.21
CA ASP B 110 1.31 33.03 -0.98
C ASP B 110 0.08 32.12 -0.93
N GLU B 111 -0.47 31.78 -2.10
CA GLU B 111 -1.60 30.86 -2.14
C GLU B 111 -1.18 29.50 -1.57
N VAL B 112 0.05 29.08 -1.84
CA VAL B 112 0.60 27.85 -1.28
C VAL B 112 0.72 27.95 0.24
N GLN B 113 1.21 29.10 0.71
CA GLN B 113 1.28 29.38 2.15
C GLN B 113 -0.08 29.23 2.81
N LYS B 114 -1.11 29.80 2.17
CA LYS B 114 -2.47 29.70 2.70
C LYS B 114 -2.90 28.24 2.87
N HIS B 115 -2.59 27.41 1.88
CA HIS B 115 -2.88 25.98 1.97
C HIS B 115 -2.26 25.39 3.24
N LEU B 116 -0.99 25.72 3.50
CA LEU B 116 -0.30 25.16 4.65
C LEU B 116 -0.83 25.73 5.97
N ASN B 117 -1.17 27.03 5.98
CA ASN B 117 -1.71 27.66 7.16
C ASN B 117 -3.09 27.12 7.54
N ASP B 118 -3.92 26.86 6.52
CA ASP B 118 -5.27 26.32 6.74
C ASP B 118 -5.30 24.80 6.79
N ARG B 119 -4.13 24.17 6.75
CA ARG B 119 -3.98 22.71 6.77
C ARG B 119 -4.87 22.02 5.73
N VAL B 120 -4.94 22.63 4.54
CA VAL B 120 -5.69 22.08 3.41
C VAL B 120 -4.89 20.95 2.77
N ASN B 121 -3.57 21.07 2.81
CA ASN B 121 -2.70 20.03 2.28
C ASN B 121 -2.80 18.75 3.10
N ARG B 122 -2.37 17.64 2.52
CA ARG B 122 -2.26 16.38 3.26
C ARG B 122 -1.06 16.47 4.19
N GLU B 123 -1.32 16.26 5.48
CA GLU B 123 -0.33 16.43 6.56
C GLU B 123 1.05 15.82 6.27
N LYS B 124 1.08 14.59 5.77
CA LYS B 124 2.34 13.87 5.63
C LYS B 124 2.85 13.78 4.19
N ALA B 125 2.16 14.47 3.28
CA ALA B 125 2.53 14.47 1.87
C ALA B 125 3.72 15.38 1.58
N ILE B 126 4.57 14.96 0.64
CA ILE B 126 5.55 15.85 0.06
C ILE B 126 4.83 17.08 -0.44
N GLN B 127 5.36 18.26 -0.12
CA GLN B 127 4.81 19.51 -0.65
C GLN B 127 5.78 20.06 -1.69
N LEU B 128 5.33 20.05 -2.94
CA LEU B 128 6.19 20.45 -4.06
C LEU B 128 5.59 21.58 -4.86
N VAL B 129 6.35 22.66 -4.98
CA VAL B 129 5.91 23.77 -5.81
C VAL B 129 6.66 23.70 -7.11
N ILE B 130 5.92 23.80 -8.21
CA ILE B 130 6.52 24.01 -9.51
C ILE B 130 6.14 25.39 -10.02
N LEU B 131 7.15 26.23 -10.15
CA LEU B 131 6.97 27.62 -10.53
C LEU B 131 7.42 27.77 -11.96
N MET B 132 6.47 28.07 -12.84
CA MET B 132 6.73 28.19 -14.27
C MET B 132 6.69 29.67 -14.62
N THR B 133 7.83 30.26 -14.98
CA THR B 133 7.93 31.73 -15.10
C THR B 133 9.14 32.20 -15.90
N ASP B 134 9.10 33.45 -16.38
CA ASP B 134 10.27 34.05 -17.02
C ASP B 134 11.20 34.75 -16.01
N GLY B 135 10.91 34.59 -14.72
CA GLY B 135 11.71 35.17 -13.66
C GLY B 135 11.67 36.68 -13.55
N VAL B 136 10.58 37.30 -13.99
CA VAL B 136 10.45 38.76 -13.87
C VAL B 136 9.19 39.13 -13.07
N PRO B 137 9.22 38.88 -11.74
CA PRO B 137 8.02 39.17 -10.93
C PRO B 137 7.84 40.66 -10.69
N ASN B 138 6.71 41.06 -10.13
CA ASN B 138 6.48 42.46 -9.77
C ASN B 138 7.50 42.90 -8.73
N SER B 139 7.84 42.01 -7.82
CA SER B 139 8.88 42.28 -6.84
C SER B 139 9.74 41.04 -6.62
N LYS B 140 10.97 41.11 -7.11
CA LYS B 140 11.92 40.01 -6.93
C LYS B 140 12.20 39.78 -5.46
N TYR B 141 12.34 40.86 -4.72
CA TYR B 141 12.62 40.77 -3.29
C TYR B 141 11.52 40.03 -2.56
N ARG B 142 10.27 40.40 -2.83
CA ARG B 142 9.15 39.77 -2.13
C ARG B 142 8.95 38.33 -2.54
N ALA B 143 9.15 38.04 -3.83
CA ALA B 143 8.99 36.68 -4.35
C ALA B 143 10.00 35.74 -3.72
N LEU B 144 11.26 36.17 -3.67
CA LEU B 144 12.31 35.37 -3.05
C LEU B 144 12.05 35.14 -1.56
N GLU B 145 11.51 36.17 -0.91
CA GLU B 145 11.22 36.10 0.52
C GLU B 145 10.21 35.02 0.84
N VAL B 146 9.09 35.00 0.12
CA VAL B 146 8.05 33.98 0.35
C VAL B 146 8.56 32.58 -0.03
N ALA B 147 9.30 32.49 -1.13
CA ALA B 147 9.91 31.22 -1.53
C ALA B 147 10.76 30.65 -0.37
N ASN B 148 11.59 31.50 0.23
CA ASN B 148 12.45 31.09 1.34
C ASN B 148 11.65 30.68 2.57
N LYS B 149 10.56 31.38 2.84
CA LYS B 149 9.62 30.92 3.87
C LYS B 149 9.07 29.52 3.59
N LEU B 150 8.71 29.25 2.34
CA LEU B 150 8.16 27.95 1.96
C LEU B 150 9.19 26.84 2.16
N LYS B 151 10.42 27.10 1.72
CA LYS B 151 11.51 26.15 1.91
C LYS B 151 11.74 25.84 3.40
N GLN B 152 11.63 26.88 4.23
CA GLN B 152 11.77 26.72 5.68
C GLN B 152 10.66 25.86 6.28
N ARG B 153 9.57 25.72 5.54
CA ARG B 153 8.48 24.83 5.97
C ARG B 153 8.61 23.50 5.26
N ASN B 154 9.82 23.20 4.78
CA ASN B 154 10.09 21.93 4.09
C ASN B 154 9.33 21.77 2.78
N VAL B 155 9.00 22.88 2.14
CA VAL B 155 8.41 22.80 0.81
C VAL B 155 9.54 22.72 -0.21
N ARG B 156 9.43 21.77 -1.13
CA ARG B 156 10.38 21.69 -2.24
C ARG B 156 9.94 22.66 -3.35
N LEU B 157 10.90 23.33 -3.97
CA LEU B 157 10.60 24.23 -5.09
C LEU B 157 11.43 23.90 -6.33
N ALA B 158 10.74 23.71 -7.45
CA ALA B 158 11.40 23.55 -8.74
C ALA B 158 10.92 24.65 -9.67
N VAL B 159 11.83 25.21 -10.47
CA VAL B 159 11.49 26.30 -11.37
C VAL B 159 11.64 25.84 -12.83
N ILE B 160 10.60 26.10 -13.62
CA ILE B 160 10.68 25.88 -15.06
C ILE B 160 10.62 27.24 -15.76
N GLY B 161 11.69 27.57 -16.49
CA GLY B 161 11.77 28.84 -17.18
C GLY B 161 10.95 28.78 -18.45
N ILE B 162 10.06 29.76 -18.63
CA ILE B 162 9.28 29.87 -19.85
C ILE B 162 9.26 31.33 -20.28
N GLY B 163 8.82 31.60 -21.50
CA GLY B 163 8.73 32.96 -21.98
C GLY B 163 9.85 33.36 -22.91
N GLN B 164 9.68 34.53 -23.51
CA GLN B 164 10.57 35.05 -24.54
C GLN B 164 11.74 35.83 -23.95
N GLY B 165 11.56 36.37 -22.75
CA GLY B 165 12.60 37.16 -22.11
C GLY B 165 12.86 36.69 -20.69
N ILE B 166 13.66 35.66 -20.54
CA ILE B 166 13.87 35.04 -19.24
C ILE B 166 15.03 35.66 -18.46
N ASN B 167 14.75 36.12 -17.24
CA ASN B 167 15.81 36.45 -16.32
C ASN B 167 16.25 35.14 -15.62
N HIS B 168 17.27 34.50 -16.18
CA HIS B 168 17.78 33.24 -15.63
C HIS B 168 18.43 33.44 -14.27
N GLN B 169 18.96 34.64 -13.99
CA GLN B 169 19.65 34.87 -12.74
C GLN B 169 18.67 34.85 -11.59
N PHE B 170 17.52 35.48 -11.78
CA PHE B 170 16.51 35.41 -10.75
C PHE B 170 15.84 34.04 -10.65
N ASN B 171 15.60 33.38 -11.78
CA ASN B 171 15.07 32.01 -11.74
C ASN B 171 16.02 31.08 -10.96
N ARG B 172 17.31 31.15 -11.23
CA ARG B 172 18.29 30.33 -10.53
CA ARG B 172 18.27 30.32 -10.53
C ARG B 172 18.37 30.69 -9.05
N LEU B 173 18.21 31.98 -8.76
CA LEU B 173 18.27 32.47 -7.39
C LEU B 173 17.10 31.95 -6.58
N ILE B 174 15.90 32.04 -7.14
CA ILE B 174 14.72 31.59 -6.42
C ILE B 174 14.68 30.07 -6.36
N ALA B 175 15.35 29.41 -7.32
CA ALA B 175 15.40 27.95 -7.33
C ALA B 175 16.46 27.41 -6.35
N GLY B 176 17.38 28.26 -5.92
CA GLY B 176 18.44 27.84 -5.01
C GLY B 176 19.69 27.33 -5.72
N CYS B 177 19.76 27.54 -7.03
CA CYS B 177 20.96 27.20 -7.79
C CYS B 177 22.05 28.19 -7.45
N ARG B 178 23.29 27.73 -7.54
CA ARG B 178 24.43 28.62 -7.41
C ARG B 178 24.52 29.43 -8.70
N PRO B 179 24.98 30.69 -8.60
CA PRO B 179 25.20 31.53 -9.78
C PRO B 179 26.19 30.84 -10.72
N ARG B 180 25.73 30.47 -11.91
CA ARG B 180 26.56 29.77 -12.90
C ARG B 180 27.02 28.38 -12.42
N GLU B 181 26.06 27.52 -12.10
CA GLU B 181 26.36 26.11 -11.88
C GLU B 181 25.71 25.29 -12.99
N PRO B 182 26.45 24.32 -13.53
CA PRO B 182 25.96 23.51 -14.66
C PRO B 182 24.89 22.52 -14.26
N ASN B 183 23.75 22.55 -14.94
CA ASN B 183 22.67 21.59 -14.72
C ASN B 183 22.22 21.47 -13.27
N CYS B 184 21.71 22.57 -12.73
CA CYS B 184 21.16 22.62 -11.39
C CYS B 184 19.92 21.71 -11.30
N LYS B 185 19.75 21.08 -10.15
CA LYS B 185 18.65 20.12 -9.94
C LYS B 185 17.29 20.78 -9.74
N PHE B 186 17.27 22.10 -9.61
CA PHE B 186 16.05 22.83 -9.26
C PHE B 186 15.55 23.73 -10.38
N TYR B 187 16.19 23.65 -11.54
CA TYR B 187 15.86 24.58 -12.63
C TYR B 187 16.06 23.99 -14.01
N SER B 188 15.02 24.08 -14.83
CA SER B 188 15.09 23.62 -16.22
C SER B 188 14.42 24.66 -17.11
N TYR B 189 15.00 24.90 -18.29
CA TYR B 189 14.42 25.84 -19.24
C TYR B 189 14.53 25.32 -20.68
N ALA B 190 14.25 24.04 -20.85
CA ALA B 190 14.27 23.41 -22.17
C ALA B 190 12.86 22.96 -22.54
N ASP B 191 12.72 21.73 -23.03
CA ASP B 191 11.41 21.21 -23.42
C ASP B 191 10.76 20.47 -22.26
N TRP B 192 9.54 20.01 -22.45
CA TRP B 192 8.81 19.34 -21.37
C TRP B 192 9.53 18.07 -20.92
N ASN B 193 10.24 17.44 -21.84
CA ASN B 193 11.04 16.26 -21.52
C ASN B 193 12.04 16.52 -20.40
N GLU B 194 12.84 17.59 -20.55
CA GLU B 194 13.83 17.94 -19.53
C GLU B 194 13.15 18.37 -18.23
N ALA B 195 12.02 19.04 -18.34
CA ALA B 195 11.19 19.40 -17.19
C ALA B 195 10.74 18.16 -16.44
N VAL B 196 10.20 17.20 -17.18
CA VAL B 196 9.75 15.95 -16.59
C VAL B 196 10.87 15.24 -15.86
N ALA B 197 12.04 15.15 -16.48
CA ALA B 197 13.21 14.57 -15.84
C ALA B 197 13.64 15.32 -14.57
N LEU B 198 13.48 16.64 -14.58
CA LEU B 198 13.86 17.48 -13.42
C LEU B 198 12.96 17.18 -12.22
N ILE B 199 11.67 17.09 -12.50
CA ILE B 199 10.62 16.86 -11.52
C ILE B 199 10.64 15.44 -10.92
N LYS B 200 11.07 14.47 -11.72
CA LYS B 200 11.01 13.05 -11.33
C LYS B 200 11.58 12.70 -9.93
N PRO B 201 12.78 13.18 -9.59
CA PRO B 201 13.27 12.82 -8.25
C PRO B 201 12.54 13.57 -7.15
N PHE B 202 11.79 14.62 -7.49
CA PHE B 202 11.08 15.40 -6.49
C PHE B 202 9.73 14.79 -6.09
N ILE B 203 9.16 13.96 -6.96
CA ILE B 203 7.87 13.36 -6.69
C ILE B 203 7.97 11.88 -6.30
N ALA B 204 9.19 11.35 -6.23
CA ALA B 204 9.39 9.95 -5.88
C ALA B 204 8.97 9.70 -4.43
N LYS B 205 8.52 8.49 -4.14
CA LYS B 205 7.97 8.18 -2.82
C LYS B 205 9.04 8.23 -1.74
N VAL B 206 8.65 8.74 -0.57
CA VAL B 206 9.54 8.77 0.57
C VAL B 206 9.39 7.49 1.40
N CYS B 207 10.49 6.76 1.57
CA CYS B 207 10.47 5.53 2.37
C CYS B 207 11.29 5.65 3.65
N THR B 208 10.68 5.27 4.78
CA THR B 208 11.29 5.41 6.10
C THR B 208 11.37 4.06 6.82
N GLU B 209 12.55 3.75 7.37
CA GLU B 209 12.69 2.59 8.25
C GLU B 209 12.10 2.90 9.62
N VAL B 210 10.97 2.28 9.93
CA VAL B 210 10.29 2.54 11.20
C VAL B 210 10.57 1.42 12.22
N GLU B 211 10.90 1.83 13.44
CA GLU B 211 11.23 0.91 14.51
C GLU B 211 9.98 0.27 15.10
N ARG B 212 10.01 -1.06 15.21
CA ARG B 212 8.89 -1.78 15.79
C ARG B 212 9.35 -2.65 16.94
N VAL B 213 8.39 -3.06 17.77
CA VAL B 213 8.61 -4.07 18.78
C VAL B 213 7.52 -5.13 18.67
N ALA B 214 7.90 -6.40 18.79
CA ALA B 214 6.93 -7.49 18.88
C ALA B 214 7.16 -8.27 20.17
N ASN B 215 6.07 -8.65 20.83
CA ASN B 215 6.14 -9.57 21.95
C ASN B 215 6.19 -11.00 21.41
N CYS B 216 7.18 -11.77 21.84
CA CYS B 216 7.37 -13.13 21.39
C CYS B 216 6.81 -14.16 22.38
N GLY B 217 6.37 -13.68 23.53
CA GLY B 217 5.84 -14.54 24.58
C GLY B 217 6.85 -15.41 25.30
N PRO B 218 6.39 -16.11 26.35
CA PRO B 218 7.25 -16.99 27.16
C PRO B 218 7.67 -18.27 26.44
N TRP B 219 8.84 -18.78 26.81
CA TRP B 219 9.30 -20.07 26.32
C TRP B 219 8.62 -21.19 27.11
N ASP B 220 8.38 -22.32 26.44
CA ASP B 220 8.06 -23.56 27.14
C ASP B 220 9.25 -23.96 28.01
N PRO B 221 9.05 -24.93 28.94
CA PRO B 221 10.18 -25.39 29.76
C PRO B 221 11.27 -26.04 28.93
N TRP B 222 12.48 -26.02 29.45
CA TRP B 222 13.60 -26.76 28.88
C TRP B 222 13.30 -28.26 28.82
N THR B 223 13.67 -28.89 27.72
CA THR B 223 13.54 -30.33 27.62
C THR B 223 14.66 -30.99 28.43
N ALA B 224 14.46 -32.25 28.74
CA ALA B 224 15.52 -33.12 29.22
C ALA B 224 16.66 -33.14 28.22
N CYS B 225 17.86 -33.36 28.73
CA CYS B 225 19.03 -33.57 27.89
C CYS B 225 18.79 -34.76 26.98
N SER B 226 19.33 -34.73 25.77
CA SER B 226 19.10 -35.78 24.77
C SER B 226 19.75 -37.11 25.16
N VAL B 227 20.75 -37.06 26.02
CA VAL B 227 21.40 -38.27 26.53
C VAL B 227 21.19 -38.37 28.03
N THR B 228 21.34 -39.56 28.58
CA THR B 228 21.14 -39.73 30.01
C THR B 228 22.47 -39.81 30.75
N CYS B 229 23.56 -39.68 30.00
CA CYS B 229 24.86 -39.48 30.58
C CYS B 229 25.73 -38.92 29.48
N GLY B 230 26.83 -38.26 29.86
CA GLY B 230 27.69 -37.63 28.88
C GLY B 230 27.05 -36.39 28.24
N ARG B 231 27.57 -36.00 27.09
CA ARG B 231 27.17 -34.75 26.43
C ARG B 231 26.05 -34.94 25.42
N GLY B 232 25.06 -34.05 25.50
CA GLY B 232 24.01 -33.99 24.50
C GLY B 232 23.51 -32.56 24.37
N THR B 233 22.26 -32.40 23.94
CA THR B 233 21.64 -31.09 23.80
C THR B 233 20.26 -31.11 24.42
N HIS B 234 19.75 -29.93 24.80
CA HIS B 234 18.35 -29.79 25.13
C HIS B 234 17.83 -28.48 24.55
N SER B 235 16.53 -28.25 24.64
CA SER B 235 15.95 -27.08 23.97
C SER B 235 14.74 -26.47 24.64
N ARG B 236 14.38 -25.28 24.18
CA ARG B 236 13.12 -24.64 24.52
CA ARG B 236 13.12 -24.62 24.52
C ARG B 236 12.40 -24.28 23.23
N SER B 237 11.08 -24.35 23.25
CA SER B 237 10.28 -24.02 22.08
C SER B 237 9.15 -23.09 22.55
N ARG B 238 8.58 -22.35 21.61
CA ARG B 238 7.37 -21.57 21.84
C ARG B 238 6.73 -21.31 20.46
N PRO B 239 5.41 -21.12 20.41
CA PRO B 239 4.75 -20.75 19.13
C PRO B 239 5.30 -19.42 18.62
N SER B 240 5.23 -19.20 17.31
CA SER B 240 5.62 -17.92 16.73
C SER B 240 4.50 -16.91 16.87
N LEU B 241 4.72 -15.83 17.60
CA LEU B 241 3.72 -14.77 17.71
C LEU B 241 3.97 -13.68 16.68
N HIS B 242 5.15 -13.70 16.09
CA HIS B 242 5.49 -12.73 15.07
C HIS B 242 6.66 -13.34 14.30
N GLU B 243 6.73 -13.08 13.01
CA GLU B 243 7.82 -13.61 12.17
C GLU B 243 9.23 -13.30 12.66
N LYS B 244 9.42 -12.20 13.40
CA LYS B 244 10.73 -11.83 13.88
C LYS B 244 11.10 -12.58 15.16
N CYS B 245 10.18 -13.40 15.69
CA CYS B 245 10.45 -14.14 16.92
C CYS B 245 11.18 -15.44 16.65
N THR B 246 12.22 -15.70 17.43
CA THR B 246 12.79 -17.05 17.50
C THR B 246 11.79 -17.95 18.22
N THR B 247 11.74 -19.21 17.79
CA THR B 247 10.77 -20.15 18.35
C THR B 247 11.41 -21.45 18.84
N HIS B 248 12.72 -21.57 18.67
CA HIS B 248 13.42 -22.76 19.11
C HIS B 248 14.82 -22.35 19.52
N MET B 249 15.27 -22.79 20.69
CA MET B 249 16.66 -22.55 21.07
C MET B 249 17.29 -23.81 21.66
N VAL B 250 18.58 -24.00 21.40
CA VAL B 250 19.26 -25.23 21.77
C VAL B 250 20.50 -24.91 22.62
N SER B 251 20.73 -25.71 23.65
CA SER B 251 21.93 -25.58 24.49
C SER B 251 22.58 -26.96 24.63
N GLU B 252 23.90 -27.00 24.69
CA GLU B 252 24.59 -28.21 25.13
C GLU B 252 24.21 -28.47 26.58
N CYS B 253 24.17 -29.74 26.94
CA CYS B 253 23.93 -30.15 28.32
C CYS B 253 24.82 -31.37 28.59
N GLU B 254 25.07 -31.68 29.86
CA GLU B 254 25.93 -32.79 30.20
C GLU B 254 25.31 -33.50 31.40
N GLU B 255 25.31 -34.83 31.36
CA GLU B 255 24.49 -35.63 32.28
C GLU B 255 25.32 -36.57 33.15
N GLY B 256 26.63 -36.33 33.22
CA GLY B 256 27.48 -37.06 34.14
C GLY B 256 28.23 -38.18 33.44
N GLU B 257 29.17 -38.80 34.15
CA GLU B 257 29.94 -39.90 33.60
C GLU B 257 29.03 -41.09 33.23
N CYS B 258 29.27 -41.65 32.05
CA CYS B 258 28.55 -42.86 31.59
C CYS B 258 29.14 -44.13 32.21
N PRO B 259 28.29 -45.16 32.44
CA PRO B 259 28.72 -46.44 33.02
C PRO B 259 29.91 -47.09 32.29
C1 FUC C . -31.81 34.01 33.11
C2 FUC C . -31.14 34.11 34.49
C3 FUC C . -30.30 35.38 34.60
C4 FUC C . -31.14 36.60 34.25
C5 FUC C . -31.80 36.42 32.85
C6 FUC C . -32.77 37.54 32.46
O2 FUC C . -30.36 32.96 34.85
O3 FUC C . -29.84 35.52 35.94
O4 FUC C . -32.15 36.77 35.23
O5 FUC C . -32.53 35.17 32.77
C2 BGC C . -28.23 36.46 37.71
C3 BGC C . -26.77 36.89 37.91
C4 BGC C . -25.83 35.76 37.53
C5 BGC C . -26.19 35.22 36.15
C6 BGC C . -25.27 34.07 35.74
C1 BGC C . -28.43 35.84 36.34
O2 BGC C . -29.08 37.58 37.84
O3 BGC C . -26.55 37.25 39.26
O4 BGC C . -24.50 36.20 37.52
O5 BGC C . -27.53 34.79 36.14
O6 BGC C . -25.76 33.49 34.54
C1 FUC D . 20.33 -43.43 30.09
C2 FUC D . 21.00 -44.34 29.05
C3 FUC D . 22.51 -44.35 29.20
C4 FUC D . 22.91 -44.66 30.66
C5 FUC D . 22.27 -43.62 31.57
C6 FUC D . 22.53 -43.92 33.06
O2 FUC D . 20.69 -43.95 27.72
O3 FUC D . 23.07 -45.33 28.36
O4 FUC D . 22.44 -45.91 31.02
O5 FUC D . 20.81 -43.59 31.41
C2 BGC D . 25.25 -46.12 27.28
C3 BGC D . 26.53 -45.57 26.67
C4 BGC D . 26.17 -44.68 25.50
C5 BGC D . 25.18 -43.60 25.93
C6 BGC D . 24.72 -42.79 24.74
C1 BGC D . 24.36 -44.95 27.72
O2 BGC D . 25.52 -46.98 28.36
O3 BGC D . 27.36 -46.62 26.21
O4 BGC D . 27.34 -44.09 24.95
O5 BGC D . 24.05 -44.16 26.60
O6 BGC D . 24.10 -41.62 25.18
MG MG E . -7.33 -37.24 -9.45
CL CL F . -14.43 -31.37 -10.04
MG MG G . 5.64 38.98 -16.51
CL CL H . 5.61 39.62 -7.09
#